data_6TPK
#
_entry.id   6TPK
#
_cell.length_a   76.987
_cell.length_b   78.858
_cell.length_c   283.486
_cell.angle_alpha   90.000
_cell.angle_beta   90.000
_cell.angle_gamma   90.000
#
_symmetry.space_group_name_H-M   'C 2 2 21'
#
loop_
_entity.id
_entity.type
_entity.pdbx_description
1 polymer 'Oxytocin receptor'
2 non-polymer (3~{R},6~{R})-6-[(2~{S})-butan-2-yl]-3-(2,3-dihydro-1~{H}-inden-2-yl)-1-[(1~{R})-1-(2-methyl-1,3-oxazol-4-yl)-2-morpholin-4-yl-2-oxidanylidene-ethyl]piperazine-2,5-dione
3 non-polymer CHOLESTEROL
4 non-polymer DI(HYDROXYETHYL)ETHER
#
_entity_poly.entity_id   1
_entity_poly.type   'polypeptide(L)'
_entity_poly.pdbx_seq_one_letter_code
;NEALARVEVAVLCLILLLALSGNACVLLALHTTRQKHSRLFFFMKHLSIADLVVAVFQVLPQLLWDITFRFYGPDLLCRL
VKYLQLVGMFASTYLLLLMSLDRCLAICQPLRSLRRRTARLAVLATWLGCLVVSAPQVHIFSLREVADGVFDCWAVFIRP
WGPKAYITWITLAVYIVPVIVLATCYGLIAFKIWQNLRLKTAAAAAAEAPEGAAAGDGGRVALARVSSVKLISKAKIRTV
KMTFIIVLAFIVCWTPFFFVQMWSVWDANAPKEASAFIIVMLLASLNCCCKPWIYMLFMGHLFHGID(YCM)SFWCCNES
YLTGSRDERKKSLLSKFGMDEGVTFMFIGRFDRGQKGVDVLLKAIEILSSKKEFQEMRFIIIGKGDPELEGWARSLEEKH
GNVKVITEMLSREFVRELYGSVDFVIIPSYFEPFGLVALEAMCLGAIPIASAVGGLRDIITNETGILVKAGDPGELANAI
LKALELSRSDLSKFRENCKKRAMSFS
;
_entity_poly.pdbx_strand_id   A
#
# COMPACT_ATOMS: atom_id res chain seq x y z
N ASN A 1 18.65 19.18 -38.86
CA ASN A 1 17.96 18.77 -37.65
C ASN A 1 16.90 19.79 -37.25
N GLU A 2 16.54 20.68 -38.18
CA GLU A 2 15.50 21.64 -37.91
C GLU A 2 14.17 20.97 -37.63
N ALA A 3 13.92 19.81 -38.26
CA ALA A 3 12.71 19.06 -37.97
C ALA A 3 12.71 18.56 -36.54
N LEU A 4 13.89 18.22 -36.00
CA LEU A 4 13.95 17.78 -34.61
C LEU A 4 13.60 18.91 -33.66
N ALA A 5 14.14 20.11 -33.92
CA ALA A 5 13.80 21.26 -33.09
C ALA A 5 12.34 21.62 -33.22
N ARG A 6 11.76 21.44 -34.42
CA ARG A 6 10.35 21.76 -34.60
C ARG A 6 9.47 20.74 -33.87
N VAL A 7 9.86 19.47 -33.89
CA VAL A 7 9.13 18.47 -33.11
C VAL A 7 9.25 18.75 -31.62
N GLU A 8 10.41 19.26 -31.19
CA GLU A 8 10.58 19.59 -29.78
C GLU A 8 9.69 20.76 -29.39
N VAL A 9 9.62 21.79 -30.24
CA VAL A 9 8.76 22.92 -29.95
C VAL A 9 7.29 22.51 -29.98
N ALA A 10 6.92 21.60 -30.88
CA ALA A 10 5.54 21.15 -30.94
C ALA A 10 5.18 20.35 -29.69
N VAL A 11 6.11 19.52 -29.21
CA VAL A 11 5.87 18.77 -27.98
C VAL A 11 5.72 19.73 -26.80
N LEU A 12 6.56 20.75 -26.74
CA LEU A 12 6.46 21.72 -25.64
C LEU A 12 5.16 22.51 -25.71
N CYS A 13 4.70 22.85 -26.92
CA CYS A 13 3.46 23.60 -27.04
C CYS A 13 2.26 22.73 -26.65
N LEU A 14 2.23 21.48 -27.11
CA LEU A 14 1.16 20.58 -26.68
C LEU A 14 1.21 20.39 -25.17
N ILE A 15 2.40 20.25 -24.60
CA ILE A 15 2.53 20.04 -23.17
C ILE A 15 2.02 21.25 -22.41
N LEU A 16 2.34 22.46 -22.87
CA LEU A 16 1.86 23.65 -22.19
C LEU A 16 0.35 23.76 -22.28
N LEU A 17 -0.22 23.47 -23.45
CA LEU A 17 -1.66 23.58 -23.64
C LEU A 17 -2.37 22.59 -22.73
N LEU A 18 -2.06 21.30 -22.86
CA LEU A 18 -2.77 20.32 -22.04
C LEU A 18 -2.43 20.44 -20.56
N ALA A 19 -1.23 20.90 -20.20
CA ALA A 19 -0.91 21.12 -18.80
C ALA A 19 -1.78 22.20 -18.17
N LEU A 20 -1.81 23.39 -18.79
CA LEU A 20 -2.64 24.46 -18.25
C LEU A 20 -4.10 24.05 -18.22
N SER A 21 -4.59 23.43 -19.30
CA SER A 21 -6.00 23.11 -19.37
C SER A 21 -6.39 22.06 -18.34
N GLY A 22 -5.64 20.95 -18.28
CA GLY A 22 -6.02 19.88 -17.37
C GLY A 22 -5.80 20.22 -15.91
N ASN A 23 -4.73 20.96 -15.60
CA ASN A 23 -4.54 21.35 -14.22
C ASN A 23 -5.59 22.37 -13.78
N ALA A 24 -5.99 23.28 -14.67
CA ALA A 24 -7.08 24.18 -14.32
C ALA A 24 -8.39 23.41 -14.17
N CYS A 25 -8.60 22.38 -14.99
CA CYS A 25 -9.81 21.57 -14.85
C CYS A 25 -9.83 20.85 -13.51
N VAL A 26 -8.66 20.41 -13.04
CA VAL A 26 -8.61 19.76 -11.73
C VAL A 26 -8.87 20.78 -10.63
N LEU A 27 -8.25 21.96 -10.74
CA LEU A 27 -8.45 22.97 -9.70
C LEU A 27 -9.89 23.46 -9.63
N LEU A 28 -10.60 23.47 -10.76
CA LEU A 28 -12.01 23.88 -10.72
C LEU A 28 -12.91 22.73 -10.28
N ALA A 29 -12.60 21.51 -10.71
CA ALA A 29 -13.49 20.39 -10.44
C ALA A 29 -13.57 20.05 -8.96
N LEU A 30 -12.50 20.32 -8.19
CA LEU A 30 -12.47 20.05 -6.77
C LEU A 30 -12.34 21.32 -5.93
N HIS A 31 -12.62 22.48 -6.52
CA HIS A 31 -12.45 23.77 -5.86
C HIS A 31 -13.11 23.83 -4.49
N HIS A 37 -10.08 8.43 2.71
CA HIS A 37 -9.55 9.31 3.78
C HIS A 37 -10.05 10.75 3.59
N SER A 38 -10.17 11.19 2.33
CA SER A 38 -10.75 12.47 1.84
C SER A 38 -9.80 13.67 1.84
N ARG A 39 -8.59 13.54 2.37
CA ARG A 39 -7.69 14.73 2.28
C ARG A 39 -7.06 14.74 0.90
N LEU A 40 -7.25 13.65 0.18
CA LEU A 40 -6.64 13.47 -1.13
C LEU A 40 -7.00 14.59 -2.08
N PHE A 41 -8.19 15.18 -1.94
CA PHE A 41 -8.59 16.29 -2.80
C PHE A 41 -7.75 17.52 -2.49
N PHE A 42 -7.51 17.80 -1.20
CA PHE A 42 -6.70 18.96 -0.83
C PHE A 42 -5.25 18.78 -1.28
N PHE A 43 -4.71 17.56 -1.11
CA PHE A 43 -3.36 17.29 -1.60
C PHE A 43 -3.30 17.36 -3.12
N MET A 44 -4.37 16.92 -3.80
CA MET A 44 -4.43 17.06 -5.26
C MET A 44 -4.41 18.52 -5.67
N LYS A 45 -5.13 19.35 -4.92
CA LYS A 45 -5.21 20.78 -5.25
C LYS A 45 -3.85 21.43 -5.14
N HIS A 46 -3.15 21.20 -4.03
CA HIS A 46 -1.83 21.82 -3.88
C HIS A 46 -0.82 21.22 -4.85
N LEU A 47 -0.90 19.92 -5.14
CA LEU A 47 0.04 19.32 -6.07
C LEU A 47 -0.16 19.86 -7.48
N SER A 48 -1.42 20.02 -7.90
CA SER A 48 -1.67 20.62 -9.21
C SER A 48 -1.29 22.09 -9.23
N ILE A 49 -1.36 22.79 -8.09
CA ILE A 49 -0.85 24.16 -8.06
C ILE A 49 0.65 24.17 -8.30
N ALA A 50 1.37 23.25 -7.66
CA ALA A 50 2.81 23.19 -7.86
C ALA A 50 3.15 22.81 -9.30
N ASP A 51 2.39 21.88 -9.88
CA ASP A 51 2.64 21.48 -11.26
C ASP A 51 2.29 22.60 -12.25
N LEU A 52 1.30 23.43 -11.92
CA LEU A 52 0.99 24.57 -12.79
C LEU A 52 2.07 25.63 -12.71
N VAL A 53 2.62 25.86 -11.51
CA VAL A 53 3.75 26.79 -11.37
C VAL A 53 4.94 26.25 -12.14
N VAL A 54 5.11 24.94 -12.17
CA VAL A 54 6.28 24.38 -12.90
C VAL A 54 6.08 24.61 -14.39
N ALA A 55 4.89 24.35 -14.91
CA ALA A 55 4.72 24.52 -16.37
C ALA A 55 4.91 25.98 -16.73
N VAL A 56 4.34 26.87 -15.94
CA VAL A 56 4.43 28.31 -16.29
C VAL A 56 5.89 28.73 -16.29
N PHE A 57 6.60 28.47 -15.20
CA PHE A 57 7.94 29.04 -15.11
C PHE A 57 9.02 28.13 -15.68
N GLN A 58 8.70 26.92 -16.11
CA GLN A 58 9.65 26.08 -16.80
C GLN A 58 9.33 25.91 -18.27
N VAL A 59 8.10 25.54 -18.62
CA VAL A 59 7.78 25.30 -20.01
C VAL A 59 7.74 26.61 -20.80
N LEU A 60 7.05 27.63 -20.27
CA LEU A 60 6.94 28.87 -21.04
C LEU A 60 8.30 29.52 -21.30
N PRO A 61 9.16 29.74 -20.30
CA PRO A 61 10.50 30.25 -20.61
C PRO A 61 11.32 29.35 -21.52
N GLN A 62 11.20 28.02 -21.40
CA GLN A 62 11.96 27.15 -22.28
C GLN A 62 11.45 27.22 -23.71
N LEU A 63 10.13 27.33 -23.87
CA LEU A 63 9.57 27.52 -25.21
C LEU A 63 10.04 28.84 -25.80
N LEU A 64 10.12 29.88 -24.97
CA LEU A 64 10.59 31.18 -25.48
C LEU A 64 12.08 31.12 -25.82
N TRP A 65 12.87 30.37 -25.05
CA TRP A 65 14.29 30.25 -25.37
C TRP A 65 14.49 29.47 -26.65
N ASP A 66 13.67 28.45 -26.88
CA ASP A 66 13.73 27.73 -28.15
C ASP A 66 13.25 28.59 -29.30
N ILE A 67 12.39 29.57 -29.02
CA ILE A 67 11.95 30.51 -30.05
C ILE A 67 13.06 31.53 -30.28
N THR A 68 13.33 32.36 -29.27
CA THR A 68 14.42 33.32 -29.31
C THR A 68 15.47 32.90 -28.28
N PHE A 69 16.68 32.63 -28.75
CA PHE A 69 17.73 32.12 -27.88
C PHE A 69 18.21 33.18 -26.89
N ARG A 70 18.01 34.45 -27.18
CA ARG A 70 18.27 35.50 -26.20
C ARG A 70 17.28 35.39 -25.05
N PHE A 71 17.77 35.62 -23.82
CA PHE A 71 16.90 35.52 -22.65
C PHE A 71 15.84 36.62 -22.63
N TYR A 72 16.21 37.83 -23.06
CA TYR A 72 15.31 38.99 -23.06
C TYR A 72 14.72 39.25 -21.67
N GLY A 73 15.59 39.69 -20.76
CA GLY A 73 15.15 40.06 -19.43
C GLY A 73 16.21 40.56 -18.48
N PRO A 74 15.77 41.24 -17.42
CA PRO A 74 16.68 41.70 -16.37
C PRO A 74 17.33 40.54 -15.61
N ASP A 75 18.55 40.79 -15.13
CA ASP A 75 19.30 39.76 -14.42
C ASP A 75 18.57 39.27 -13.18
N LEU A 76 17.95 40.20 -12.44
CA LEU A 76 17.17 39.78 -11.28
C LEU A 76 15.93 39.00 -11.69
N LEU A 77 15.32 39.39 -12.81
CA LEU A 77 14.22 38.59 -13.37
C LEU A 77 14.79 37.26 -13.80
N CYS A 78 16.05 37.24 -14.26
CA CYS A 78 16.72 36.00 -14.60
C CYS A 78 16.76 35.05 -13.39
N ARG A 79 17.34 35.55 -12.30
CA ARG A 79 17.41 34.76 -11.08
C ARG A 79 16.07 34.35 -10.50
N LEU A 80 15.05 35.21 -10.64
CA LEU A 80 13.73 34.86 -10.14
C LEU A 80 13.14 33.70 -10.94
N VAL A 81 13.34 33.68 -12.25
CA VAL A 81 12.82 32.59 -13.06
C VAL A 81 13.46 31.27 -12.66
N LYS A 82 14.80 31.25 -12.56
CA LYS A 82 15.46 29.98 -12.23
C LYS A 82 15.13 29.53 -10.80
N TYR A 83 15.01 30.50 -9.88
CA TYR A 83 14.65 30.18 -8.50
C TYR A 83 13.25 29.59 -8.42
N LEU A 84 12.30 30.15 -9.17
CA LEU A 84 10.95 29.60 -9.17
C LEU A 84 10.90 28.25 -9.86
N GLN A 85 11.79 28.00 -10.83
CA GLN A 85 11.86 26.67 -11.43
C GLN A 85 12.27 25.62 -10.39
N LEU A 86 13.35 25.89 -9.65
CA LEU A 86 13.74 24.95 -8.61
C LEU A 86 12.69 24.84 -7.51
N VAL A 87 12.02 25.96 -7.18
CA VAL A 87 10.97 25.93 -6.18
C VAL A 87 9.83 25.04 -6.64
N GLY A 88 9.50 25.09 -7.94
CA GLY A 88 8.42 24.27 -8.44
C GLY A 88 8.79 22.79 -8.49
N MET A 89 10.05 22.50 -8.82
CA MET A 89 10.50 21.11 -8.78
C MET A 89 10.36 20.54 -7.37
N PHE A 90 10.92 21.27 -6.38
CA PHE A 90 10.86 20.79 -5.01
C PHE A 90 9.42 20.71 -4.52
N ALA A 91 8.58 21.65 -4.93
CA ALA A 91 7.21 21.70 -4.44
C ALA A 91 6.41 20.53 -4.96
N SER A 92 6.46 20.29 -6.28
CA SER A 92 5.70 19.19 -6.83
C SER A 92 6.19 17.85 -6.28
N THR A 93 7.51 17.69 -6.12
CA THR A 93 8.03 16.41 -5.65
C THR A 93 7.63 16.16 -4.20
N TYR A 94 7.85 17.14 -3.32
CA TYR A 94 7.52 16.93 -1.92
C TYR A 94 6.01 16.90 -1.68
N LEU A 95 5.22 17.53 -2.55
CA LEU A 95 3.77 17.43 -2.40
C LEU A 95 3.28 16.05 -2.81
N LEU A 96 3.86 15.47 -3.86
CA LEU A 96 3.55 14.06 -4.15
C LEU A 96 4.01 13.16 -3.02
N LEU A 97 5.12 13.50 -2.37
CA LEU A 97 5.56 12.73 -1.20
C LEU A 97 4.52 12.80 -0.09
N LEU A 98 4.00 14.01 0.18
CA LEU A 98 3.03 14.16 1.25
C LEU A 98 1.73 13.44 0.94
N MET A 99 1.30 13.48 -0.33
CA MET A 99 0.08 12.76 -0.70
C MET A 99 0.26 11.26 -0.55
N SER A 100 1.42 10.73 -0.96
CA SER A 100 1.67 9.31 -0.85
C SER A 100 1.78 8.87 0.61
N LEU A 101 2.43 9.69 1.45
CA LEU A 101 2.48 9.37 2.87
C LEU A 101 1.09 9.43 3.50
N ASP A 102 0.25 10.34 2.99
CA ASP A 102 -1.15 10.41 3.50
C ASP A 102 -1.89 9.12 3.14
N ARG A 103 -1.76 8.63 1.92
CA ARG A 103 -2.39 7.37 1.56
C ARG A 103 -1.80 6.21 2.35
N CYS A 104 -0.51 6.27 2.65
CA CYS A 104 0.11 5.20 3.44
C CYS A 104 -0.42 5.17 4.86
N LEU A 105 -0.63 6.34 5.47
CA LEU A 105 -1.24 6.36 6.80
C LEU A 105 -2.71 5.97 6.76
N ALA A 106 -3.42 6.33 5.69
CA ALA A 106 -4.82 5.95 5.57
C ALA A 106 -4.98 4.45 5.37
N ILE A 107 -3.98 3.79 4.79
CA ILE A 107 -4.03 2.33 4.63
C ILE A 107 -3.56 1.64 5.91
N CYS A 108 -2.35 1.96 6.36
CA CYS A 108 -1.78 1.28 7.52
C CYS A 108 -2.58 1.54 8.78
N GLN A 109 -3.14 2.73 8.92
CA GLN A 109 -3.93 3.13 10.09
C GLN A 109 -5.23 3.79 9.63
N PRO A 110 -6.18 3.01 9.13
CA PRO A 110 -7.44 3.59 8.63
C PRO A 110 -8.19 4.40 9.68
N LEU A 111 -8.12 4.02 10.96
CA LEU A 111 -8.86 4.74 11.98
C LEU A 111 -8.26 6.11 12.26
N ARG A 112 -6.94 6.17 12.39
CA ARG A 112 -6.25 7.42 12.69
C ARG A 112 -5.92 8.14 11.39
N SER A 113 -6.38 9.38 11.25
CA SER A 113 -6.24 10.09 9.99
C SER A 113 -6.03 11.58 10.27
N LEU A 114 -5.41 12.25 9.30
CA LEU A 114 -4.95 13.62 9.50
C LEU A 114 -6.12 14.59 9.65
N ARG A 115 -5.94 15.55 10.55
CA ARG A 115 -6.83 16.69 10.66
C ARG A 115 -6.54 17.71 9.55
N ARG A 116 -7.56 18.52 9.22
CA ARG A 116 -7.34 19.58 8.25
C ARG A 116 -6.29 20.58 8.72
N ARG A 117 -6.23 20.84 10.03
CA ARG A 117 -5.20 21.71 10.57
C ARG A 117 -3.81 21.16 10.29
N THR A 118 -3.62 19.87 10.56
CA THR A 118 -2.32 19.24 10.33
C THR A 118 -1.98 19.22 8.84
N ALA A 119 -2.99 19.07 7.98
CA ALA A 119 -2.74 19.04 6.54
C ALA A 119 -2.26 20.40 6.04
N ARG A 120 -2.97 21.47 6.44
CA ARG A 120 -2.53 22.80 6.03
C ARG A 120 -1.16 23.12 6.62
N LEU A 121 -0.90 22.64 7.83
CA LEU A 121 0.39 22.88 8.48
C LEU A 121 1.51 22.24 7.69
N ALA A 122 1.37 20.97 7.35
CA ALA A 122 2.41 20.26 6.61
C ALA A 122 2.60 20.86 5.22
N VAL A 123 1.51 21.30 4.59
CA VAL A 123 1.63 21.87 3.25
C VAL A 123 2.41 23.18 3.28
N LEU A 124 2.04 24.08 4.19
CA LEU A 124 2.75 25.35 4.26
C LEU A 124 4.20 25.15 4.69
N ALA A 125 4.46 24.16 5.56
CA ALA A 125 5.84 23.89 5.94
C ALA A 125 6.65 23.40 4.75
N THR A 126 6.08 22.52 3.92
CA THR A 126 6.80 22.07 2.74
C THR A 126 7.05 23.21 1.77
N TRP A 127 6.10 24.15 1.64
CA TRP A 127 6.32 25.28 0.73
C TRP A 127 7.46 26.17 1.23
N LEU A 128 7.45 26.50 2.52
CA LEU A 128 8.52 27.32 3.05
C LEU A 128 9.88 26.61 2.96
N GLY A 129 9.87 25.28 3.13
CA GLY A 129 11.11 24.54 3.00
C GLY A 129 11.62 24.51 1.58
N CYS A 130 10.70 24.41 0.61
CA CYS A 130 11.13 24.46 -0.79
C CYS A 130 11.71 25.82 -1.15
N LEU A 131 11.13 26.90 -0.59
CA LEU A 131 11.70 28.23 -0.84
C LEU A 131 13.10 28.34 -0.25
N VAL A 132 13.26 27.94 1.01
CA VAL A 132 14.56 28.04 1.66
C VAL A 132 15.59 27.15 0.97
N VAL A 133 15.16 25.99 0.45
CA VAL A 133 16.10 25.09 -0.20
C VAL A 133 16.48 25.58 -1.59
N SER A 134 15.55 26.23 -2.30
CA SER A 134 15.87 26.80 -3.61
C SER A 134 16.56 28.15 -3.49
N ALA A 135 16.72 28.68 -2.27
CA ALA A 135 17.40 29.94 -2.08
C ALA A 135 18.76 30.05 -2.79
N PRO A 136 19.63 29.05 -2.80
CA PRO A 136 20.90 29.20 -3.55
C PRO A 136 20.71 29.49 -5.03
N GLN A 137 19.59 29.03 -5.60
CA GLN A 137 19.38 29.15 -7.05
C GLN A 137 19.42 30.60 -7.53
N VAL A 138 18.97 31.54 -6.70
CA VAL A 138 18.96 32.94 -7.13
C VAL A 138 20.38 33.47 -7.31
N HIS A 139 21.33 32.98 -6.50
CA HIS A 139 22.71 33.44 -6.61
C HIS A 139 23.47 32.65 -7.67
N ILE A 140 23.24 31.34 -7.74
CA ILE A 140 24.05 30.50 -8.62
C ILE A 140 23.85 30.85 -10.10
N PHE A 141 22.65 31.29 -10.48
CA PHE A 141 22.37 31.68 -11.85
C PHE A 141 22.41 33.19 -12.01
N SER A 142 22.92 33.65 -13.15
CA SER A 142 23.08 35.07 -13.40
C SER A 142 23.11 35.31 -14.91
N LEU A 143 22.79 36.54 -15.30
CA LEU A 143 22.83 36.90 -16.71
C LEU A 143 24.25 36.83 -17.24
N ARG A 144 24.39 36.37 -18.49
CA ARG A 144 25.70 36.29 -19.13
C ARG A 144 25.50 36.44 -20.63
N GLU A 145 26.48 37.08 -21.27
CA GLU A 145 26.41 37.36 -22.70
C GLU A 145 27.07 36.23 -23.50
N VAL A 146 26.37 35.78 -24.52
CA VAL A 146 26.88 34.74 -25.42
C VAL A 146 27.48 35.33 -26.69
N ALA A 147 26.88 36.42 -27.19
CA ALA A 147 27.38 37.01 -28.45
C ALA A 147 27.08 38.51 -28.64
N ASP A 148 27.74 39.37 -27.88
CA ASP A 148 27.65 40.85 -28.09
C ASP A 148 26.21 41.36 -28.09
N GLY A 149 25.54 41.28 -26.95
CA GLY A 149 24.15 41.79 -26.83
C GLY A 149 23.20 40.64 -26.58
N VAL A 150 23.56 39.45 -27.04
CA VAL A 150 22.71 38.30 -26.77
C VAL A 150 22.99 37.84 -25.34
N PHE A 151 21.95 37.80 -24.52
CA PHE A 151 22.07 37.41 -23.12
C PHE A 151 21.28 36.14 -22.84
N ASP A 152 21.72 35.41 -21.81
CA ASP A 152 20.88 34.36 -21.26
C ASP A 152 21.24 34.12 -19.80
N CYS A 153 20.32 33.50 -19.08
CA CYS A 153 20.65 32.99 -17.76
C CYS A 153 21.75 31.95 -17.89
N TRP A 154 22.69 31.96 -16.95
CA TRP A 154 23.70 30.92 -16.96
C TRP A 154 24.17 30.64 -15.54
N ALA A 155 24.53 29.38 -15.31
CA ALA A 155 25.03 28.96 -14.00
C ALA A 155 26.53 29.25 -13.89
N VAL A 156 26.94 29.68 -12.70
CA VAL A 156 28.35 29.84 -12.39
C VAL A 156 28.64 29.06 -11.10
N PHE A 157 29.76 28.36 -11.08
CA PHE A 157 30.11 27.49 -9.96
C PHE A 157 31.44 27.94 -9.36
N ILE A 158 31.58 27.70 -8.06
CA ILE A 158 32.67 28.30 -7.29
C ILE A 158 34.02 27.79 -7.74
N ARG A 159 34.11 26.50 -8.07
CA ARG A 159 35.41 25.85 -8.21
C ARG A 159 35.25 24.48 -8.88
N PRO A 160 36.32 23.69 -9.06
CA PRO A 160 36.13 22.40 -9.78
C PRO A 160 35.09 21.49 -9.18
N TRP A 161 34.94 21.47 -7.85
CA TRP A 161 33.91 20.64 -7.25
C TRP A 161 32.51 21.22 -7.48
N GLY A 162 32.42 22.53 -7.73
CA GLY A 162 31.18 23.26 -7.75
C GLY A 162 30.03 22.60 -8.48
N PRO A 163 30.17 22.42 -9.80
CA PRO A 163 29.07 21.80 -10.55
C PRO A 163 28.71 20.41 -10.08
N LYS A 164 29.70 19.59 -9.72
CA LYS A 164 29.41 18.23 -9.28
C LYS A 164 28.68 18.26 -7.94
N ALA A 165 29.04 19.21 -7.08
CA ALA A 165 28.41 19.29 -5.77
C ALA A 165 26.96 19.74 -5.88
N TYR A 166 26.72 20.81 -6.65
CA TYR A 166 25.33 21.29 -6.75
C TYR A 166 24.44 20.28 -7.46
N ILE A 167 24.98 19.57 -8.46
CA ILE A 167 24.15 18.59 -9.16
C ILE A 167 23.87 17.39 -8.28
N THR A 168 24.88 16.92 -7.53
CA THR A 168 24.65 15.83 -6.60
C THR A 168 23.65 16.22 -5.52
N TRP A 169 23.70 17.48 -5.08
CA TRP A 169 22.78 17.94 -4.04
C TRP A 169 21.35 17.98 -4.57
N ILE A 170 21.15 18.54 -5.76
CA ILE A 170 19.80 18.63 -6.30
C ILE A 170 19.24 17.24 -6.57
N THR A 171 20.07 16.33 -7.11
CA THR A 171 19.59 14.99 -7.38
C THR A 171 19.24 14.26 -6.08
N LEU A 172 20.11 14.36 -5.07
CA LEU A 172 19.86 13.72 -3.79
C LEU A 172 18.61 14.28 -3.11
N ALA A 173 18.33 15.56 -3.30
CA ALA A 173 17.24 16.19 -2.58
C ALA A 173 15.88 16.03 -3.26
N VAL A 174 15.79 16.18 -4.58
CA VAL A 174 14.51 16.02 -5.26
C VAL A 174 14.31 14.63 -5.84
N TYR A 175 15.27 13.72 -5.66
CA TYR A 175 15.10 12.41 -6.25
C TYR A 175 15.40 11.29 -5.25
N ILE A 176 16.66 11.19 -4.82
CA ILE A 176 17.09 10.01 -4.06
C ILE A 176 16.26 9.87 -2.79
N VAL A 177 16.22 10.92 -1.96
CA VAL A 177 15.36 10.90 -0.79
C VAL A 177 13.88 10.74 -1.16
N PRO A 178 13.31 11.55 -2.07
CA PRO A 178 11.90 11.33 -2.42
C PRO A 178 11.61 9.94 -2.98
N VAL A 179 12.52 9.36 -3.77
CA VAL A 179 12.24 8.05 -4.34
C VAL A 179 12.29 6.97 -3.27
N ILE A 180 13.27 7.07 -2.36
CA ILE A 180 13.34 6.10 -1.26
C ILE A 180 12.10 6.20 -0.39
N VAL A 181 11.61 7.42 -0.16
CA VAL A 181 10.45 7.58 0.71
C VAL A 181 9.18 7.07 0.03
N LEU A 182 9.05 7.34 -1.28
CA LEU A 182 7.90 6.83 -2.02
C LEU A 182 7.90 5.31 -2.06
N ALA A 183 9.07 4.71 -2.27
CA ALA A 183 9.17 3.26 -2.27
C ALA A 183 8.84 2.68 -0.90
N THR A 184 9.30 3.35 0.16
CA THR A 184 8.98 2.87 1.50
C THR A 184 7.50 2.95 1.78
N CYS A 185 6.86 4.05 1.37
CA CYS A 185 5.43 4.21 1.64
C CYS A 185 4.61 3.18 0.88
N TYR A 186 4.85 3.03 -0.43
CA TYR A 186 4.03 2.09 -1.17
C TYR A 186 4.40 0.63 -0.90
N GLY A 187 5.64 0.35 -0.51
CA GLY A 187 5.96 -0.99 -0.06
C GLY A 187 5.32 -1.32 1.27
N LEU A 188 5.24 -0.33 2.17
CA LEU A 188 4.51 -0.52 3.41
C LEU A 188 3.02 -0.72 3.15
N ILE A 189 2.49 -0.06 2.12
CA ILE A 189 1.08 -0.24 1.77
C ILE A 189 0.84 -1.64 1.23
N ALA A 190 1.71 -2.10 0.32
CA ALA A 190 1.55 -3.46 -0.22
C ALA A 190 1.76 -4.51 0.87
N PHE A 191 2.65 -4.26 1.82
CA PHE A 191 2.83 -5.17 2.95
C PHE A 191 1.59 -5.20 3.82
N LYS A 192 1.04 -4.02 4.14
CA LYS A 192 -0.16 -3.96 4.97
C LYS A 192 -1.35 -4.62 4.30
N ILE A 193 -1.43 -4.55 2.97
CA ILE A 193 -2.52 -5.19 2.26
C ILE A 193 -2.32 -6.70 2.25
N TRP A 194 -1.24 -7.18 1.62
CA TRP A 194 -1.08 -8.62 1.44
C TRP A 194 -0.88 -9.35 2.76
N GLN A 195 -0.06 -8.80 3.65
CA GLN A 195 0.38 -9.52 4.84
C GLN A 195 -0.71 -9.60 5.91
N ASN A 196 -1.04 -8.46 6.52
CA ASN A 196 -1.92 -8.43 7.69
C ASN A 196 -3.31 -7.90 7.38
N LEU A 231 -3.73 -7.89 6.11
CA LEU A 231 -5.12 -7.59 5.78
C LEU A 231 -5.64 -8.54 4.71
N ILE A 232 -11.99 -3.89 4.30
CA ILE A 232 -11.17 -2.91 3.62
C ILE A 232 -12.00 -2.20 2.55
N SER A 233 -11.74 -0.92 2.36
CA SER A 233 -12.53 -0.12 1.43
C SER A 233 -12.02 -0.31 0.01
N LYS A 234 -12.93 -0.62 -0.92
CA LYS A 234 -12.56 -0.62 -2.33
C LYS A 234 -12.24 0.79 -2.82
N ALA A 235 -12.93 1.81 -2.30
CA ALA A 235 -12.70 3.17 -2.78
C ALA A 235 -11.37 3.73 -2.29
N LYS A 236 -11.02 3.45 -1.03
CA LYS A 236 -9.74 3.90 -0.51
C LYS A 236 -8.58 3.28 -1.26
N ILE A 237 -8.68 1.98 -1.57
CA ILE A 237 -7.63 1.34 -2.35
C ILE A 237 -7.65 1.82 -3.80
N ARG A 238 -8.81 2.25 -4.32
CA ARG A 238 -8.82 2.87 -5.65
C ARG A 238 -8.00 4.17 -5.64
N THR A 239 -8.21 5.01 -4.63
CA THR A 239 -7.43 6.24 -4.55
C THR A 239 -5.95 5.95 -4.35
N VAL A 240 -5.64 4.91 -3.58
CA VAL A 240 -4.23 4.54 -3.39
C VAL A 240 -3.62 4.08 -4.70
N LYS A 241 -4.36 3.31 -5.50
CA LYS A 241 -3.84 2.86 -6.79
C LYS A 241 -3.65 4.01 -7.76
N MET A 242 -4.55 5.00 -7.72
CA MET A 242 -4.37 6.17 -8.58
C MET A 242 -3.12 6.94 -8.20
N THR A 243 -2.93 7.17 -6.90
CA THR A 243 -1.72 7.86 -6.46
C THR A 243 -0.46 7.05 -6.76
N PHE A 244 -0.58 5.71 -6.74
CA PHE A 244 0.57 4.88 -7.11
C PHE A 244 0.91 5.03 -8.58
N ILE A 245 -0.11 5.13 -9.45
CA ILE A 245 0.18 5.38 -10.86
C ILE A 245 0.80 6.75 -11.02
N ILE A 246 0.42 7.71 -10.19
CA ILE A 246 1.04 9.03 -10.25
C ILE A 246 2.52 8.93 -9.88
N VAL A 247 2.83 8.15 -8.84
CA VAL A 247 4.23 7.98 -8.44
C VAL A 247 5.03 7.27 -9.53
N LEU A 248 4.40 6.30 -10.20
CA LEU A 248 5.08 5.60 -11.28
C LEU A 248 5.37 6.56 -12.44
N ALA A 249 4.43 7.47 -12.72
CA ALA A 249 4.68 8.47 -13.75
C ALA A 249 5.80 9.41 -13.33
N PHE A 250 5.85 9.77 -12.06
CA PHE A 250 6.92 10.65 -11.58
C PHE A 250 8.28 9.99 -11.78
N ILE A 251 8.41 8.73 -11.37
CA ILE A 251 9.71 8.08 -11.48
C ILE A 251 10.09 7.86 -12.94
N VAL A 252 9.13 7.44 -13.77
CA VAL A 252 9.47 7.19 -15.18
C VAL A 252 9.81 8.49 -15.90
N CYS A 253 9.26 9.63 -15.45
CA CYS A 253 9.53 10.88 -16.13
C CYS A 253 10.84 11.51 -15.65
N TRP A 254 11.17 11.38 -14.36
CA TRP A 254 12.32 12.08 -13.82
C TRP A 254 13.59 11.25 -13.74
N THR A 255 13.50 9.92 -13.77
CA THR A 255 14.70 9.09 -13.73
C THR A 255 15.66 9.39 -14.88
N PRO A 256 15.25 9.45 -16.15
CA PRO A 256 16.21 9.79 -17.20
C PRO A 256 16.86 11.15 -16.99
N PHE A 257 16.09 12.10 -16.46
CA PHE A 257 16.59 13.46 -16.31
C PHE A 257 17.78 13.51 -15.35
N PHE A 258 17.61 12.94 -14.16
CA PHE A 258 18.68 13.00 -13.17
C PHE A 258 19.78 11.98 -13.46
N PHE A 259 19.47 10.89 -14.15
CA PHE A 259 20.52 10.01 -14.64
C PHE A 259 21.45 10.77 -15.58
N VAL A 260 20.88 11.50 -16.53
CA VAL A 260 21.70 12.23 -17.49
C VAL A 260 22.43 13.38 -16.82
N GLN A 261 21.75 14.12 -15.95
CA GLN A 261 22.41 15.24 -15.27
C GLN A 261 23.53 14.76 -14.35
N MET A 262 23.37 13.58 -13.73
CA MET A 262 24.46 13.02 -12.93
C MET A 262 25.62 12.60 -13.81
N TRP A 263 25.32 12.06 -15.00
CA TRP A 263 26.39 11.69 -15.92
C TRP A 263 27.13 12.93 -16.43
N SER A 264 26.43 14.06 -16.54
CA SER A 264 27.01 15.24 -17.16
C SER A 264 28.15 15.84 -16.35
N VAL A 265 28.15 15.66 -15.02
CA VAL A 265 29.10 16.34 -14.15
C VAL A 265 30.08 15.37 -13.51
N TRP A 266 30.16 14.14 -13.99
CA TRP A 266 31.04 13.14 -13.38
C TRP A 266 31.98 12.54 -14.42
N ASP A 267 32.75 11.54 -13.98
CA ASP A 267 34.02 11.22 -14.63
C ASP A 267 33.84 10.80 -16.08
N ALA A 268 32.79 10.05 -16.39
CA ALA A 268 32.56 9.64 -17.76
C ALA A 268 31.83 10.77 -18.48
N ASN A 269 32.45 11.31 -19.53
CA ASN A 269 31.91 12.48 -20.23
C ASN A 269 31.65 12.12 -21.69
N ALA A 270 30.36 12.02 -22.04
CA ALA A 270 29.89 11.74 -23.42
C ALA A 270 28.55 12.46 -23.57
N PRO A 271 28.53 13.81 -23.74
CA PRO A 271 27.28 14.56 -23.74
C PRO A 271 26.17 14.37 -24.79
N LYS A 272 26.48 14.37 -26.09
CA LYS A 272 25.45 14.30 -27.18
C LYS A 272 24.25 15.12 -26.74
N GLU A 273 24.51 16.38 -26.37
CA GLU A 273 23.53 17.26 -25.71
C GLU A 273 22.18 17.25 -26.39
N ALA A 274 22.15 17.16 -27.72
CA ALA A 274 20.87 17.30 -28.42
C ALA A 274 20.02 16.04 -28.28
N SER A 275 20.63 14.87 -28.51
CA SER A 275 19.90 13.62 -28.40
C SER A 275 19.54 13.27 -26.95
N ALA A 276 20.26 13.79 -25.96
CA ALA A 276 20.05 13.41 -24.57
C ALA A 276 19.32 14.48 -23.78
N PHE A 277 19.92 15.66 -23.66
CA PHE A 277 19.37 16.69 -22.77
C PHE A 277 17.97 17.10 -23.22
N ILE A 278 17.76 17.21 -24.53
CA ILE A 278 16.45 17.60 -25.03
C ILE A 278 15.40 16.57 -24.64
N ILE A 279 15.73 15.29 -24.81
CA ILE A 279 14.75 14.23 -24.56
C ILE A 279 14.42 14.14 -23.08
N VAL A 280 15.44 14.16 -22.23
CA VAL A 280 15.18 14.03 -20.79
C VAL A 280 14.42 15.25 -20.29
N MET A 281 14.69 16.44 -20.85
CA MET A 281 13.91 17.61 -20.50
C MET A 281 12.47 17.48 -20.96
N LEU A 282 12.26 16.85 -22.11
CA LEU A 282 10.90 16.65 -22.61
C LEU A 282 10.11 15.76 -21.64
N LEU A 283 10.75 14.70 -21.13
CA LEU A 283 10.04 13.82 -20.19
C LEU A 283 9.76 14.53 -18.87
N ALA A 284 10.74 15.27 -18.37
CA ALA A 284 10.55 15.98 -17.10
C ALA A 284 9.46 17.03 -17.21
N SER A 285 9.34 17.68 -18.38
CA SER A 285 8.21 18.57 -18.61
C SER A 285 6.91 17.80 -18.75
N LEU A 286 6.96 16.57 -19.31
CA LEU A 286 5.75 15.80 -19.56
C LEU A 286 5.08 15.37 -18.26
N ASN A 287 5.85 15.18 -17.19
CA ASN A 287 5.27 14.66 -15.94
C ASN A 287 4.13 15.56 -15.40
N CYS A 288 4.38 16.87 -15.37
CA CYS A 288 3.45 17.79 -14.72
C CYS A 288 2.11 17.83 -15.42
N CYS A 289 2.10 17.70 -16.75
CA CYS A 289 0.85 17.59 -17.48
C CYS A 289 0.30 16.17 -17.48
N CYS A 290 1.16 15.17 -17.22
CA CYS A 290 0.69 13.80 -17.17
C CYS A 290 -0.23 13.56 -15.97
N LYS A 291 -0.02 14.28 -14.87
CA LYS A 291 -0.85 14.03 -13.68
C LYS A 291 -2.37 14.16 -13.92
N PRO A 292 -2.89 15.28 -14.46
CA PRO A 292 -4.35 15.43 -14.54
C PRO A 292 -5.07 14.34 -15.34
N TRP A 293 -4.43 13.80 -16.39
CA TRP A 293 -5.09 12.74 -17.16
C TRP A 293 -5.27 11.50 -16.29
N ILE A 294 -4.30 11.21 -15.43
CA ILE A 294 -4.45 10.09 -14.50
C ILE A 294 -5.59 10.38 -13.53
N TYR A 295 -5.71 11.64 -13.10
CA TYR A 295 -6.82 12.00 -12.22
C TYR A 295 -8.16 11.71 -12.89
N MET A 296 -8.36 12.22 -14.10
CA MET A 296 -9.65 12.05 -14.76
C MET A 296 -9.87 10.63 -15.27
N LEU A 297 -8.80 9.85 -15.44
CA LEU A 297 -8.96 8.45 -15.82
C LEU A 297 -9.47 7.64 -14.64
N PHE A 298 -8.83 7.79 -13.47
CA PHE A 298 -9.25 7.01 -12.32
C PHE A 298 -10.60 7.46 -11.77
N MET A 299 -11.01 8.70 -12.04
CA MET A 299 -12.18 9.28 -11.37
C MET A 299 -13.18 9.79 -12.40
N GLY A 300 -14.16 8.95 -12.71
CA GLY A 300 -15.42 9.40 -13.24
C GLY A 300 -16.34 9.91 -12.15
N HIS A 301 -15.81 9.87 -10.92
CA HIS A 301 -16.46 10.44 -9.75
C HIS A 301 -16.63 11.95 -9.88
N LEU A 302 -15.87 12.59 -10.76
CA LEU A 302 -15.87 14.04 -10.91
C LEU A 302 -15.98 14.43 -12.37
N PHE A 303 -16.72 13.65 -13.16
CA PHE A 303 -17.02 14.07 -14.52
C PHE A 303 -17.91 15.31 -14.50
N HIS A 304 -17.59 16.28 -15.35
CA HIS A 304 -18.30 17.56 -15.34
C HIS A 304 -18.15 18.31 -16.67
N GLY A 305 -5.54 -8.22 3.42
CA GLY A 305 -5.64 -8.86 2.12
C GLY A 305 -6.45 -10.13 2.19
N ILE A 306 -7.63 -10.01 2.81
CA ILE A 306 -8.52 -11.15 3.00
C ILE A 306 -8.98 -11.71 1.65
N ASP A 307 -9.08 -10.87 0.61
CA ASP A 307 -9.59 -11.25 -0.74
C ASP A 307 -11.00 -11.80 -0.56
N SER A 309 -13.44 -11.58 -2.25
CA SER A 309 -14.02 -12.03 -3.51
C SER A 309 -14.00 -13.55 -3.56
N PHE A 310 -13.16 -14.15 -2.71
CA PHE A 310 -12.99 -15.59 -2.63
C PHE A 310 -13.65 -16.19 -1.39
N TRP A 311 -13.34 -15.66 -0.21
CA TRP A 311 -13.82 -16.24 1.06
C TRP A 311 -15.19 -15.68 1.38
N ASN A 314 -16.22 -16.40 0.96
CA ASN A 314 -17.59 -16.16 1.42
C ASN A 314 -18.41 -17.40 1.13
N GLU A 315 -19.52 -17.53 1.88
CA GLU A 315 -20.39 -18.70 1.74
C GLU A 315 -21.14 -18.71 0.42
N SER A 316 -21.14 -17.61 -0.33
CA SER A 316 -21.88 -17.55 -1.59
C SER A 316 -21.38 -18.59 -2.58
N TYR A 317 -20.09 -18.92 -2.53
CA TYR A 317 -19.57 -19.98 -3.40
C TYR A 317 -19.98 -21.37 -2.95
N LEU A 318 -20.31 -21.56 -1.68
CA LEU A 318 -20.64 -22.89 -1.18
C LEU A 318 -22.06 -23.30 -1.54
N THR A 319 -22.26 -24.61 -1.71
CA THR A 319 -23.53 -25.17 -2.14
C THR A 319 -24.28 -25.80 -0.98
N GLY A 320 -25.59 -25.54 -0.91
CA GLY A 320 -26.44 -26.18 0.06
C GLY A 320 -26.34 -25.57 1.45
N SER A 321 -27.08 -26.16 2.38
CA SER A 321 -27.00 -25.75 3.77
C SER A 321 -25.71 -26.25 4.40
N ARG A 322 -25.25 -25.52 5.43
CA ARG A 322 -23.98 -25.87 6.05
C ARG A 322 -24.01 -27.25 6.69
N ASP A 323 -25.16 -27.68 7.20
CA ASP A 323 -25.23 -28.99 7.85
C ASP A 323 -24.94 -30.11 6.86
N GLU A 324 -25.36 -29.93 5.60
CA GLU A 324 -25.05 -30.92 4.58
C GLU A 324 -23.56 -31.01 4.32
N ARG A 325 -22.89 -29.86 4.24
CA ARG A 325 -21.44 -29.88 4.02
C ARG A 325 -20.72 -30.52 5.21
N LYS A 326 -21.23 -30.30 6.42
CA LYS A 326 -20.59 -30.88 7.59
C LYS A 326 -20.75 -32.40 7.60
N LYS A 327 -21.96 -32.89 7.33
CA LYS A 327 -22.17 -34.33 7.31
C LYS A 327 -21.37 -34.97 6.18
N SER A 328 -21.25 -34.27 5.04
CA SER A 328 -20.49 -34.80 3.93
C SER A 328 -19.00 -34.89 4.27
N LEU A 329 -18.45 -33.85 4.90
CA LEU A 329 -17.04 -33.88 5.27
C LEU A 329 -16.77 -34.96 6.32
N LEU A 330 -17.69 -35.12 7.28
CA LEU A 330 -17.49 -36.15 8.29
C LEU A 330 -17.60 -37.55 7.68
N SER A 331 -18.44 -37.72 6.65
CA SER A 331 -18.41 -38.97 5.90
C SER A 331 -17.11 -39.14 5.13
N LYS A 332 -16.53 -38.04 4.66
CA LYS A 332 -15.24 -38.12 3.98
C LYS A 332 -14.15 -38.58 4.93
N PHE A 333 -14.24 -38.20 6.21
CA PHE A 333 -13.24 -38.56 7.19
C PHE A 333 -13.65 -39.73 8.07
N GLY A 334 -14.79 -40.36 7.78
CA GLY A 334 -15.18 -41.56 8.51
C GLY A 334 -15.56 -41.36 9.96
N MET A 335 -16.23 -40.26 10.28
CA MET A 335 -16.58 -39.93 11.66
C MET A 335 -18.08 -39.68 11.78
N ASP A 336 -18.66 -40.08 12.90
CA ASP A 336 -20.06 -39.81 13.17
C ASP A 336 -20.27 -38.33 13.43
N GLU A 337 -21.51 -37.88 13.20
CA GLU A 337 -21.82 -36.46 13.32
C GLU A 337 -21.55 -35.94 14.72
N GLY A 338 -20.99 -34.75 14.80
CA GLY A 338 -20.68 -34.12 16.06
C GLY A 338 -20.05 -32.76 15.80
N VAL A 339 -19.96 -31.97 16.86
CA VAL A 339 -19.39 -30.63 16.75
C VAL A 339 -17.94 -30.74 16.31
N THR A 340 -17.55 -29.99 15.29
CA THR A 340 -16.26 -30.13 14.67
C THR A 340 -15.35 -28.96 15.04
N PHE A 341 -14.16 -29.27 15.52
CA PHE A 341 -13.12 -28.30 15.82
C PHE A 341 -12.00 -28.50 14.82
N MET A 342 -12.00 -27.69 13.77
CA MET A 342 -10.88 -27.60 12.85
C MET A 342 -9.75 -26.81 13.48
N PHE A 343 -8.52 -27.14 13.10
CA PHE A 343 -7.36 -26.32 13.36
C PHE A 343 -6.48 -26.34 12.14
N ILE A 344 -5.87 -25.21 11.83
CA ILE A 344 -5.08 -25.05 10.61
C ILE A 344 -3.88 -24.17 10.91
N GLY A 345 -2.80 -24.42 10.19
CA GLY A 345 -1.54 -23.74 10.43
C GLY A 345 -0.42 -24.72 10.71
N ARG A 346 0.82 -24.30 10.41
CA ARG A 346 1.96 -25.19 10.55
C ARG A 346 2.33 -25.48 11.99
N PHE A 347 2.89 -26.66 12.18
CA PHE A 347 3.29 -27.10 13.53
C PHE A 347 4.62 -26.48 13.92
N ASP A 348 4.62 -25.78 15.05
CA ASP A 348 5.83 -25.17 15.63
C ASP A 348 5.58 -24.83 17.10
N ARG A 349 6.65 -24.70 17.90
CA ARG A 349 6.46 -24.38 19.34
C ARG A 349 6.71 -22.89 19.54
N GLY A 350 5.81 -22.22 20.23
CA GLY A 350 5.97 -20.79 20.49
C GLY A 350 5.39 -19.94 19.38
N GLN A 351 4.74 -20.54 18.40
CA GLN A 351 4.15 -19.66 17.36
C GLN A 351 2.66 -19.93 17.17
N LYS A 352 2.33 -20.94 16.39
CA LYS A 352 0.92 -21.20 16.07
C LYS A 352 0.18 -21.89 17.21
N GLY A 353 0.89 -22.43 18.20
CA GLY A 353 0.23 -22.93 19.39
C GLY A 353 -0.44 -24.27 19.24
N VAL A 354 -0.08 -25.06 18.23
CA VAL A 354 -0.66 -26.39 18.09
C VAL A 354 -0.31 -27.26 19.29
N ASP A 355 0.80 -26.97 19.97
CA ASP A 355 1.10 -27.68 21.21
C ASP A 355 0.02 -27.45 22.25
N VAL A 356 -0.53 -26.24 22.30
CA VAL A 356 -1.61 -25.96 23.24
C VAL A 356 -2.86 -26.74 22.86
N LEU A 357 -3.12 -26.90 21.56
CA LEU A 357 -4.28 -27.67 21.14
C LEU A 357 -4.11 -29.15 21.45
N LEU A 358 -2.92 -29.70 21.19
CA LEU A 358 -2.71 -31.12 21.48
C LEU A 358 -2.74 -31.39 22.98
N LYS A 359 -2.20 -30.47 23.78
CA LYS A 359 -2.29 -30.63 25.24
C LYS A 359 -3.74 -30.51 25.71
N ALA A 360 -4.52 -29.61 25.11
CA ALA A 360 -5.94 -29.53 25.45
C ALA A 360 -6.69 -30.78 25.03
N ILE A 361 -6.32 -31.41 23.92
CA ILE A 361 -6.93 -32.67 23.53
C ILE A 361 -6.56 -33.77 24.51
N GLU A 362 -5.32 -33.74 25.03
CA GLU A 362 -4.95 -34.66 26.08
C GLU A 362 -5.75 -34.42 27.35
N ILE A 363 -6.02 -33.15 27.65
CA ILE A 363 -6.82 -32.80 28.82
C ILE A 363 -8.26 -33.29 28.66
N LEU A 364 -8.79 -33.16 27.44
CA LEU A 364 -10.17 -33.57 27.16
C LEU A 364 -10.32 -35.06 26.93
N SER A 365 -9.21 -35.79 26.75
CA SER A 365 -9.30 -37.23 26.52
C SER A 365 -9.95 -37.95 27.70
N SER A 366 -9.74 -37.46 28.91
CA SER A 366 -10.29 -38.11 30.10
C SER A 366 -11.73 -37.73 30.41
N LYS A 367 -12.28 -36.71 29.76
CA LYS A 367 -13.59 -36.18 30.13
C LYS A 367 -14.72 -36.87 29.38
N LYS A 368 -15.92 -36.82 29.98
CA LYS A 368 -17.04 -37.61 29.49
C LYS A 368 -17.55 -37.10 28.15
N GLU A 369 -17.32 -35.82 27.85
CA GLU A 369 -17.90 -35.19 26.68
C GLU A 369 -17.06 -35.36 25.41
N PHE A 370 -15.89 -35.99 25.51
CA PHE A 370 -14.92 -35.96 24.42
C PHE A 370 -15.44 -36.62 23.15
N GLN A 371 -16.33 -37.61 23.27
CA GLN A 371 -16.83 -38.28 22.07
C GLN A 371 -17.96 -37.51 21.40
N GLU A 372 -18.47 -36.45 22.03
CA GLU A 372 -19.45 -35.58 21.39
C GLU A 372 -18.83 -34.66 20.36
N MET A 373 -17.50 -34.55 20.34
CA MET A 373 -16.79 -33.60 19.49
C MET A 373 -15.78 -34.31 18.61
N ARG A 374 -15.58 -33.76 17.42
CA ARG A 374 -14.58 -34.19 16.46
C ARG A 374 -13.49 -33.14 16.34
N PHE A 375 -12.28 -33.60 16.02
CA PHE A 375 -11.13 -32.71 15.86
C PHE A 375 -10.48 -32.98 14.51
N ILE A 376 -10.36 -31.93 13.69
CA ILE A 376 -9.57 -31.97 12.47
C ILE A 376 -8.34 -31.11 12.69
N ILE A 377 -7.17 -31.62 12.31
CA ILE A 377 -5.92 -30.88 12.42
C ILE A 377 -5.27 -30.85 11.04
N ILE A 378 -4.80 -29.68 10.62
CA ILE A 378 -4.20 -29.50 9.31
C ILE A 378 -2.92 -28.70 9.48
N GLY A 379 -1.89 -29.11 8.76
CA GLY A 379 -0.62 -28.40 8.81
C GLY A 379 0.52 -29.32 8.42
N LYS A 380 1.72 -28.78 8.41
CA LYS A 380 2.91 -29.60 8.10
C LYS A 380 4.05 -28.96 8.86
N GLY A 381 4.95 -29.74 9.45
CA GLY A 381 6.02 -29.03 10.16
C GLY A 381 6.87 -29.92 11.01
N ASP A 382 7.02 -29.54 12.26
CA ASP A 382 7.95 -30.24 13.14
C ASP A 382 7.58 -31.72 13.27
N PRO A 383 8.54 -32.63 13.10
CA PRO A 383 8.22 -34.07 13.21
C PRO A 383 7.63 -34.51 14.54
N GLU A 384 8.04 -33.90 15.66
CA GLU A 384 7.59 -34.42 16.96
C GLU A 384 6.11 -34.15 17.19
N LEU A 385 5.68 -32.90 17.00
CA LEU A 385 4.27 -32.59 17.15
C LEU A 385 3.42 -33.29 16.10
N GLU A 386 3.96 -33.48 14.89
CA GLU A 386 3.24 -34.20 13.86
C GLU A 386 3.04 -35.67 14.24
N GLY A 387 4.07 -36.30 14.81
CA GLY A 387 3.92 -37.66 15.26
C GLY A 387 3.02 -37.79 16.48
N TRP A 388 3.04 -36.77 17.35
CA TRP A 388 2.10 -36.75 18.47
C TRP A 388 0.67 -36.66 17.97
N ALA A 389 0.42 -35.83 16.97
CA ALA A 389 -0.92 -35.73 16.40
C ALA A 389 -1.32 -37.03 15.71
N ARG A 390 -0.36 -37.71 15.07
CA ARG A 390 -0.69 -39.00 14.47
C ARG A 390 -1.02 -40.04 15.55
N SER A 391 -0.31 -40.00 16.67
CA SER A 391 -0.62 -40.90 17.77
C SER A 391 -1.99 -40.59 18.36
N LEU A 392 -2.37 -39.32 18.36
CA LEU A 392 -3.72 -38.96 18.82
C LEU A 392 -4.78 -39.46 17.85
N GLU A 393 -4.54 -39.33 16.54
CA GLU A 393 -5.49 -39.85 15.56
C GLU A 393 -5.61 -41.37 15.63
N GLU A 394 -4.51 -42.08 15.93
CA GLU A 394 -4.59 -43.52 16.10
C GLU A 394 -5.28 -43.88 17.40
N LYS A 395 -5.04 -43.10 18.46
CA LYS A 395 -5.63 -43.35 19.77
C LYS A 395 -7.12 -43.05 19.79
N HIS A 396 -7.61 -42.18 18.90
CA HIS A 396 -9.00 -41.75 18.92
C HIS A 396 -9.51 -41.62 17.49
N GLY A 397 -10.67 -42.22 17.22
CA GLY A 397 -11.20 -42.17 15.87
C GLY A 397 -11.87 -40.88 15.49
N ASN A 398 -12.14 -40.00 16.45
CA ASN A 398 -12.73 -38.70 16.16
C ASN A 398 -11.70 -37.65 15.75
N VAL A 399 -10.42 -37.96 15.85
CA VAL A 399 -9.36 -37.06 15.38
C VAL A 399 -8.97 -37.45 13.97
N LYS A 400 -8.76 -36.46 13.11
CA LYS A 400 -8.24 -36.67 11.76
C LYS A 400 -7.14 -35.65 11.52
N VAL A 401 -5.92 -36.13 11.28
CA VAL A 401 -4.77 -35.28 11.03
C VAL A 401 -4.46 -35.31 9.54
N ILE A 402 -4.09 -34.15 8.99
CA ILE A 402 -3.77 -34.01 7.58
C ILE A 402 -2.45 -33.26 7.47
N THR A 403 -1.61 -33.68 6.53
CA THR A 403 -0.28 -33.10 6.38
C THR A 403 0.06 -32.64 4.97
N GLU A 404 -0.74 -33.00 3.96
CA GLU A 404 -0.46 -32.60 2.59
C GLU A 404 -0.81 -31.13 2.39
N MET A 405 -0.13 -30.51 1.42
CA MET A 405 -0.51 -29.17 0.99
C MET A 405 -1.88 -29.21 0.35
N LEU A 406 -2.72 -28.23 0.68
CA LEU A 406 -4.12 -28.23 0.27
C LEU A 406 -4.47 -26.97 -0.50
N SER A 407 -5.38 -27.13 -1.46
CA SER A 407 -5.91 -26.00 -2.21
C SER A 407 -6.72 -25.09 -1.31
N ARG A 408 -6.67 -23.79 -1.60
CA ARG A 408 -7.40 -22.82 -0.80
C ARG A 408 -8.91 -23.03 -0.93
N GLU A 409 -9.38 -23.57 -2.06
CA GLU A 409 -10.80 -23.90 -2.18
C GLU A 409 -11.20 -25.00 -1.22
N PHE A 410 -10.28 -25.92 -0.97
CA PHE A 410 -10.60 -26.94 0.04
C PHE A 410 -10.73 -26.22 1.38
N VAL A 411 -9.75 -25.37 1.68
CA VAL A 411 -9.81 -24.67 2.97
C VAL A 411 -11.09 -23.87 3.09
N ARG A 412 -11.61 -23.35 1.98
CA ARG A 412 -12.90 -22.65 2.01
C ARG A 412 -14.02 -23.62 2.33
N GLU A 413 -13.99 -24.82 1.74
CA GLU A 413 -14.99 -25.82 2.06
C GLU A 413 -14.90 -26.24 3.52
N LEU A 414 -13.68 -26.30 4.07
CA LEU A 414 -13.53 -26.67 5.47
C LEU A 414 -14.06 -25.59 6.39
N TYR A 415 -13.75 -24.32 6.11
CA TYR A 415 -14.29 -23.24 6.90
C TYR A 415 -15.80 -23.18 6.80
N GLY A 416 -16.36 -23.56 5.65
CA GLY A 416 -17.79 -23.59 5.48
C GLY A 416 -18.48 -24.82 5.99
N SER A 417 -17.73 -25.84 6.41
CA SER A 417 -18.29 -27.08 6.93
C SER A 417 -18.14 -27.23 8.44
N VAL A 418 -16.97 -26.89 8.99
CA VAL A 418 -16.72 -27.09 10.41
C VAL A 418 -17.54 -26.09 11.23
N ASP A 419 -17.87 -26.49 12.46
CA ASP A 419 -18.59 -25.59 13.36
C ASP A 419 -17.66 -24.60 14.03
N PHE A 420 -16.44 -25.01 14.37
CA PHE A 420 -15.50 -24.16 15.08
C PHE A 420 -14.11 -24.33 14.50
N VAL A 421 -13.35 -23.24 14.51
CA VAL A 421 -11.94 -23.25 14.16
C VAL A 421 -11.16 -22.77 15.38
N ILE A 422 -10.04 -23.43 15.66
CA ILE A 422 -9.20 -23.12 16.80
C ILE A 422 -7.94 -22.44 16.30
N ILE A 423 -7.60 -21.31 16.92
CA ILE A 423 -6.42 -20.52 16.57
C ILE A 423 -5.66 -20.26 17.86
N PRO A 424 -4.93 -21.25 18.38
CA PRO A 424 -4.24 -21.09 19.67
C PRO A 424 -2.89 -20.40 19.55
N SER A 425 -2.77 -19.47 18.61
CA SER A 425 -1.48 -18.85 18.32
C SER A 425 -0.98 -18.03 19.50
N TYR A 426 0.32 -18.17 19.79
CA TYR A 426 0.96 -17.29 20.76
C TYR A 426 1.06 -15.86 20.25
N PHE A 427 1.13 -15.68 18.93
CA PHE A 427 1.46 -14.39 18.34
C PHE A 427 0.74 -14.26 17.00
N GLU A 428 0.02 -13.16 16.83
CA GLU A 428 -0.70 -12.89 15.59
C GLU A 428 -0.85 -11.39 15.41
N PRO A 429 -0.10 -10.78 14.48
CA PRO A 429 -0.29 -9.34 14.23
C PRO A 429 -1.70 -9.00 13.76
N PHE A 430 -2.21 -9.69 12.75
CA PHE A 430 -3.62 -9.66 12.38
C PHE A 430 -3.99 -11.08 11.99
N GLY A 431 -5.03 -11.62 12.60
CA GLY A 431 -5.37 -13.02 12.39
C GLY A 431 -6.17 -13.26 11.13
N LEU A 432 -5.48 -13.39 9.99
CA LEU A 432 -6.18 -13.61 8.73
C LEU A 432 -6.94 -14.93 8.70
N VAL A 433 -6.42 -15.94 9.39
CA VAL A 433 -7.14 -17.21 9.47
C VAL A 433 -8.49 -17.00 10.17
N ALA A 434 -8.52 -16.11 11.16
CA ALA A 434 -9.80 -15.79 11.81
C ALA A 434 -10.74 -15.11 10.84
N LEU A 435 -10.24 -14.15 10.04
CA LEU A 435 -11.09 -13.46 9.09
C LEU A 435 -11.63 -14.40 8.03
N GLU A 436 -10.81 -15.36 7.61
CA GLU A 436 -11.25 -16.29 6.58
C GLU A 436 -12.30 -17.25 7.13
N ALA A 437 -12.04 -17.83 8.29
CA ALA A 437 -13.00 -18.78 8.86
C ALA A 437 -14.30 -18.08 9.24
N MET A 438 -14.22 -16.85 9.76
CA MET A 438 -15.43 -16.09 10.08
C MET A 438 -16.19 -15.68 8.82
N CYS A 439 -15.48 -15.47 7.70
CA CYS A 439 -16.15 -15.18 6.45
C CYS A 439 -16.97 -16.37 5.96
N LEU A 440 -16.56 -17.59 6.30
CA LEU A 440 -17.30 -18.79 5.95
C LEU A 440 -18.20 -19.27 7.07
N GLY A 441 -18.36 -18.47 8.13
CA GLY A 441 -19.26 -18.77 9.22
C GLY A 441 -18.69 -19.63 10.33
N ALA A 442 -17.43 -20.04 10.24
CA ALA A 442 -16.81 -20.79 11.33
C ALA A 442 -16.67 -19.89 12.55
N ILE A 443 -16.85 -20.48 13.73
CA ILE A 443 -16.74 -19.76 15.00
C ILE A 443 -15.33 -19.96 15.53
N PRO A 444 -14.55 -18.90 15.74
CA PRO A 444 -13.16 -19.07 16.16
C PRO A 444 -12.98 -19.05 17.67
N ILE A 445 -12.39 -20.12 18.20
CA ILE A 445 -11.84 -20.14 19.54
C ILE A 445 -10.36 -19.85 19.39
N ALA A 446 -9.94 -18.64 19.76
CA ALA A 446 -8.60 -18.18 19.43
C ALA A 446 -7.99 -17.49 20.63
N SER A 447 -6.65 -17.49 20.65
CA SER A 447 -5.92 -16.84 21.73
C SER A 447 -6.15 -15.34 21.71
N ALA A 448 -6.23 -14.74 22.89
CA ALA A 448 -6.46 -13.30 23.04
C ALA A 448 -5.13 -12.56 22.96
N VAL A 449 -4.59 -12.50 21.73
CA VAL A 449 -3.28 -11.90 21.48
C VAL A 449 -3.33 -11.12 20.19
N GLY A 450 -3.04 -9.82 20.27
CA GLY A 450 -2.82 -9.02 19.07
C GLY A 450 -4.05 -8.97 18.18
N GLY A 451 -3.83 -9.37 16.92
CA GLY A 451 -4.90 -9.27 15.94
C GLY A 451 -6.11 -10.12 16.29
N LEU A 452 -5.89 -11.29 16.89
CA LEU A 452 -7.01 -12.08 17.36
C LEU A 452 -7.77 -11.37 18.47
N ARG A 453 -7.07 -10.65 19.34
CA ARG A 453 -7.74 -9.87 20.36
C ARG A 453 -8.54 -8.73 19.76
N ASP A 454 -8.07 -8.18 18.63
CA ASP A 454 -8.81 -7.09 17.99
C ASP A 454 -10.03 -7.59 17.24
N ILE A 455 -9.89 -8.71 16.53
CA ILE A 455 -10.96 -9.18 15.65
C ILE A 455 -12.11 -9.79 16.44
N ILE A 456 -11.80 -10.77 17.30
CA ILE A 456 -12.84 -11.51 18.00
C ILE A 456 -13.46 -10.64 19.09
N THR A 457 -14.77 -10.79 19.27
CA THR A 457 -15.53 -10.10 20.31
C THR A 457 -16.36 -11.14 21.06
N ASN A 458 -17.05 -10.68 22.10
CA ASN A 458 -17.85 -11.59 22.92
C ASN A 458 -18.98 -12.21 22.11
N GLU A 459 -19.54 -11.46 21.15
CA GLU A 459 -20.63 -11.96 20.33
C GLU A 459 -20.16 -12.77 19.13
N THR A 460 -18.86 -12.74 18.81
CA THR A 460 -18.36 -13.38 17.60
C THR A 460 -17.47 -14.58 17.86
N GLY A 461 -17.10 -14.87 19.10
CA GLY A 461 -16.20 -15.98 19.34
C GLY A 461 -15.70 -15.97 20.77
N ILE A 462 -14.82 -16.93 21.04
CA ILE A 462 -14.29 -17.18 22.37
C ILE A 462 -12.81 -16.83 22.35
N LEU A 463 -12.46 -15.66 22.88
CA LEU A 463 -11.06 -15.35 23.14
C LEU A 463 -10.67 -16.12 24.39
N VAL A 464 -9.38 -16.45 24.50
CA VAL A 464 -8.83 -17.21 25.59
C VAL A 464 -7.36 -16.86 25.74
N LYS A 465 -6.83 -17.00 26.96
CA LYS A 465 -5.41 -16.72 27.17
C LYS A 465 -4.45 -17.57 26.38
N ALA A 466 -3.43 -16.93 25.79
CA ALA A 466 -2.47 -17.64 24.97
C ALA A 466 -1.64 -18.61 25.80
N GLY A 467 -1.34 -19.77 25.22
CA GLY A 467 -0.42 -20.70 25.84
C GLY A 467 -0.95 -21.48 27.01
N ASP A 468 -2.27 -21.52 27.22
CA ASP A 468 -2.85 -22.20 28.37
C ASP A 468 -3.71 -23.35 27.85
N PRO A 469 -3.18 -24.57 27.82
CA PRO A 469 -3.99 -25.71 27.39
C PRO A 469 -5.25 -25.93 28.22
N GLY A 470 -5.20 -25.62 29.52
CA GLY A 470 -6.40 -25.79 30.33
C GLY A 470 -7.47 -24.78 29.99
N GLU A 471 -7.08 -23.54 29.70
CA GLU A 471 -8.05 -22.55 29.27
C GLU A 471 -8.61 -22.89 27.89
N LEU A 472 -7.78 -23.42 27.01
CA LEU A 472 -8.27 -23.87 25.70
C LEU A 472 -9.24 -25.04 25.86
N ALA A 473 -8.98 -25.93 26.82
CA ALA A 473 -9.91 -27.03 27.05
C ALA A 473 -11.23 -26.53 27.61
N ASN A 474 -11.18 -25.56 28.52
CA ASN A 474 -12.40 -24.97 29.04
C ASN A 474 -13.17 -24.26 27.93
N ALA A 475 -12.45 -23.63 27.00
CA ALA A 475 -13.12 -22.97 25.88
C ALA A 475 -13.76 -23.97 24.93
N ILE A 476 -13.10 -25.12 24.70
CA ILE A 476 -13.70 -26.14 23.84
C ILE A 476 -14.95 -26.71 24.51
N LEU A 477 -14.92 -26.87 25.84
CA LEU A 477 -16.10 -27.34 26.54
C LEU A 477 -17.23 -26.31 26.48
N LYS A 478 -16.89 -25.03 26.59
CA LYS A 478 -17.91 -23.98 26.45
C LYS A 478 -18.50 -23.97 25.05
N ALA A 479 -17.67 -24.25 24.04
CA ALA A 479 -18.18 -24.32 22.67
C ALA A 479 -19.12 -25.50 22.50
N LEU A 480 -18.78 -26.63 23.12
CA LEU A 480 -19.69 -27.78 23.05
C LEU A 480 -21.01 -27.47 23.75
N GLU A 481 -20.95 -26.72 24.85
CA GLU A 481 -22.17 -26.33 25.54
C GLU A 481 -23.01 -25.39 24.69
N LEU A 482 -22.35 -24.47 23.97
CA LEU A 482 -23.05 -23.55 23.09
C LEU A 482 -23.61 -24.26 21.86
N SER A 483 -23.07 -25.42 21.51
CA SER A 483 -23.49 -26.13 20.30
C SER A 483 -24.95 -26.54 20.35
N ARG A 484 -25.55 -26.65 21.53
CA ARG A 484 -26.93 -27.09 21.66
C ARG A 484 -27.93 -25.99 21.35
N SER A 485 -27.48 -24.77 21.09
CA SER A 485 -28.30 -23.69 20.58
C SER A 485 -28.27 -23.68 19.05
N ASP A 486 -29.07 -22.78 18.47
CA ASP A 486 -29.20 -22.79 17.00
C ASP A 486 -27.89 -22.48 16.31
N LEU A 487 -27.16 -21.47 16.82
CA LEU A 487 -25.80 -21.01 16.42
C LEU A 487 -25.81 -20.18 15.13
N SER A 488 -26.93 -20.03 14.45
CA SER A 488 -26.95 -19.27 13.19
C SER A 488 -26.63 -17.82 13.50
N LYS A 489 -27.01 -17.36 14.68
CA LYS A 489 -26.75 -15.96 14.99
C LYS A 489 -25.25 -15.71 15.14
N PHE A 490 -24.53 -16.68 15.72
CA PHE A 490 -23.09 -16.55 15.84
C PHE A 490 -22.31 -16.50 14.53
N ARG A 491 -22.74 -17.32 13.58
CA ARG A 491 -22.09 -17.38 12.26
C ARG A 491 -22.35 -16.08 11.51
N GLU A 492 -23.57 -15.58 11.57
CA GLU A 492 -23.93 -14.34 10.88
C GLU A 492 -23.15 -13.21 11.53
N ASN A 493 -22.97 -13.27 12.86
CA ASN A 493 -22.14 -12.25 13.51
C ASN A 493 -20.69 -12.35 13.07
N CYS A 494 -20.18 -13.59 12.92
CA CYS A 494 -18.83 -13.75 12.40
C CYS A 494 -18.71 -13.23 10.98
N LYS A 495 -19.73 -13.48 10.15
CA LYS A 495 -19.69 -13.00 8.78
C LYS A 495 -19.65 -11.48 8.74
N LYS A 496 -20.57 -10.83 9.46
CA LYS A 496 -20.63 -9.38 9.42
C LYS A 496 -19.39 -8.74 10.03
N ARG A 497 -18.81 -9.36 11.05
CA ARG A 497 -17.58 -8.81 11.64
C ARG A 497 -16.41 -8.90 10.68
N ALA A 498 -16.23 -10.07 10.06
CA ALA A 498 -15.14 -10.22 9.10
C ALA A 498 -15.31 -9.31 7.89
N MET A 499 -16.55 -9.08 7.46
CA MET A 499 -16.76 -8.17 6.34
C MET A 499 -16.52 -6.72 6.75
N SER A 500 -16.88 -6.36 7.99
CA SER A 500 -16.63 -5.01 8.46
C SER A 500 -15.15 -4.73 8.61
N PHE A 501 -14.35 -5.76 8.88
CA PHE A 501 -12.91 -5.55 8.98
C PHE A 501 -12.27 -5.26 7.63
N SER A 502 -12.96 -5.52 6.53
CA SER A 502 -12.44 -5.18 5.21
C SER A 502 -13.27 -4.05 4.60
#